data_3FCX
#
_entry.id   3FCX
#
_cell.length_a   51.542
_cell.length_b   70.724
_cell.length_c   65.014
_cell.angle_alpha   90.00
_cell.angle_beta   108.84
_cell.angle_gamma   90.00
#
_symmetry.space_group_name_H-M   'P 1 21 1'
#
loop_
_entity.id
_entity.type
_entity.pdbx_description
1 polymer 'S-formylglutathione hydrolase'
2 non-polymer 'MAGNESIUM ION'
3 non-polymer 'CALCIUM ION'
4 water water
#
_entity_poly.entity_id   1
_entity_poly.type   'polypeptide(L)'
_entity_poly.pdbx_seq_one_letter_code
;MALKQISSNKCFGGLQKVFEHDSVELNCKMKFAVYLPPKAETGKCPALYWLSGLTCTEQNFISKSGYHQSASEHGLVVIA
PDTSPRGCNIKGEDESWDFGTGAGFYVDATEDPWKTNYRMYSYVTEELPQLINANFPVDPQRMSIFGHSMGGHGALICAL
KNPGKYKSVSAFAPICNPVLCPWGKKAFSGYLGTDQSKWKAYDATHLVKSYPGSQLDILIDQGKDDQFLLDGQLLPDNFI
AACTEKKIPVVFRLQEDYDHSYYFIATFITDHIRHHAKYLNA
;
_entity_poly.pdbx_strand_id   A,B
#
loop_
_chem_comp.id
_chem_comp.type
_chem_comp.name
_chem_comp.formula
CA non-polymer 'CALCIUM ION' 'Ca 2'
MG non-polymer 'MAGNESIUM ION' 'Mg 2'
#
# COMPACT_ATOMS: atom_id res chain seq x y z
N MET A 1 14.40 6.95 -17.31
CA MET A 1 15.31 6.04 -17.98
C MET A 1 15.07 5.59 -19.38
N ALA A 2 16.17 5.13 -19.93
CA ALA A 2 16.30 5.00 -21.38
C ALA A 2 15.55 3.77 -21.89
N LEU A 3 14.87 4.06 -22.99
CA LEU A 3 14.04 3.04 -23.61
C LEU A 3 14.53 2.68 -25.01
N LYS A 4 14.27 1.45 -25.41
CA LYS A 4 14.48 1.04 -26.80
C LYS A 4 13.13 0.72 -27.42
N GLN A 5 12.78 1.43 -28.48
CA GLN A 5 11.53 1.17 -29.19
C GLN A 5 11.69 -0.06 -30.08
N ILE A 6 10.79 -1.03 -29.86
CA ILE A 6 10.78 -2.28 -30.59
C ILE A 6 9.87 -2.18 -31.83
N SER A 7 8.71 -1.54 -31.65
CA SER A 7 7.76 -1.40 -32.75
C SER A 7 6.86 -0.19 -32.54
N SER A 8 6.27 0.27 -33.64
CA SER A 8 5.29 1.35 -33.62
C SER A 8 4.32 1.17 -34.79
N ASN A 9 3.02 1.17 -34.49
CA ASN A 9 1.98 1.01 -35.51
C ASN A 9 0.79 1.89 -35.20
N LYS A 10 0.36 2.67 -36.18
CA LYS A 10 -0.79 3.56 -35.99
C LYS A 10 -2.09 2.76 -35.92
N CYS A 11 -2.95 3.12 -34.97
CA CYS A 11 -4.19 2.40 -34.73
C CYS A 11 -5.19 3.37 -34.11
N PHE A 12 -6.32 3.56 -34.80
CA PHE A 12 -7.34 4.52 -34.38
C PHE A 12 -6.75 5.89 -34.03
N GLY A 13 -5.87 6.38 -34.89
CA GLY A 13 -5.30 7.72 -34.73
C GLY A 13 -4.10 7.82 -33.81
N GLY A 14 -4.04 6.94 -32.82
CA GLY A 14 -2.90 6.90 -31.90
C GLY A 14 -1.84 5.92 -32.37
N LEU A 15 -0.81 5.74 -31.55
CA LEU A 15 0.29 4.84 -31.87
C LEU A 15 0.41 3.72 -30.86
N GLN A 16 0.30 2.49 -31.35
CA GLN A 16 0.62 1.33 -30.51
C GLN A 16 2.12 1.05 -30.59
N LYS A 17 2.80 1.20 -29.45
CA LYS A 17 4.24 0.95 -29.40
C LYS A 17 4.57 -0.20 -28.47
N VAL A 18 5.76 -0.76 -28.66
CA VAL A 18 6.34 -1.70 -27.72
C VAL A 18 7.76 -1.23 -27.43
N PHE A 19 8.16 -1.28 -26.15
CA PHE A 19 9.47 -0.84 -25.71
C PHE A 19 10.16 -1.91 -24.87
N GLU A 20 11.49 -1.80 -24.81
CA GLU A 20 12.30 -2.63 -23.92
C GLU A 20 13.07 -1.70 -22.99
N HIS A 21 13.29 -2.13 -21.75
CA HIS A 21 14.11 -1.36 -20.81
C HIS A 21 14.83 -2.30 -19.85
N ASP A 22 15.81 -1.75 -19.11
CA ASP A 22 16.50 -2.49 -18.07
C ASP A 22 15.72 -2.35 -16.77
N SER A 23 15.12 -3.45 -16.32
CA SER A 23 14.36 -3.40 -15.09
C SER A 23 15.24 -3.57 -13.86
N VAL A 24 15.13 -2.62 -12.93
CA VAL A 24 15.84 -2.68 -11.65
C VAL A 24 15.22 -3.75 -10.74
N GLU A 25 13.89 -3.83 -10.72
CA GLU A 25 13.20 -4.80 -9.88
C GLU A 25 13.40 -6.24 -10.35
N LEU A 26 13.45 -6.42 -11.65
CA LEU A 26 13.43 -7.76 -12.24
C LEU A 26 14.80 -8.25 -12.70
N ASN A 27 15.80 -7.37 -12.65
CA ASN A 27 17.19 -7.72 -13.00
C ASN A 27 17.35 -8.23 -14.42
N CYS A 28 16.58 -7.66 -15.34
CA CYS A 28 16.61 -8.10 -16.72
C CYS A 28 15.98 -7.09 -17.64
N LYS A 29 16.18 -7.30 -18.94
CA LYS A 29 15.43 -6.57 -19.96
C LYS A 29 13.98 -6.99 -19.87
N MET A 30 13.09 -6.00 -19.86
CA MET A 30 11.66 -6.23 -19.81
C MET A 30 10.97 -5.46 -20.90
N LYS A 31 9.96 -6.07 -21.51
CA LYS A 31 9.18 -5.41 -22.55
C LYS A 31 7.82 -4.99 -22.04
N PHE A 32 7.34 -3.87 -22.57
CA PHE A 32 5.99 -3.40 -22.30
C PHE A 32 5.44 -2.68 -23.52
N ALA A 33 4.12 -2.76 -23.68
CA ALA A 33 3.44 -2.05 -24.74
C ALA A 33 2.88 -0.74 -24.20
N VAL A 34 2.88 0.29 -25.04
CA VAL A 34 2.27 1.58 -24.68
C VAL A 34 1.43 2.06 -25.86
N TYR A 35 0.16 2.37 -25.61
CA TYR A 35 -0.68 3.02 -26.61
C TYR A 35 -0.76 4.50 -26.29
N LEU A 36 -0.33 5.32 -27.25
CA LEU A 36 -0.42 6.76 -27.14
C LEU A 36 -1.60 7.24 -27.98
N PRO A 37 -2.71 7.65 -27.32
CA PRO A 37 -3.89 8.07 -28.07
C PRO A 37 -3.66 9.44 -28.72
N PRO A 38 -4.59 9.88 -29.58
CA PRO A 38 -4.46 11.22 -30.15
C PRO A 38 -4.18 12.32 -29.10
N LYS A 39 -4.80 12.21 -27.93
CA LYS A 39 -4.61 13.17 -26.84
C LYS A 39 -3.13 13.37 -26.50
N ALA A 40 -2.36 12.29 -26.57
CA ALA A 40 -0.95 12.31 -26.19
C ALA A 40 -0.08 13.13 -27.13
N GLU A 41 -0.62 13.49 -28.30
CA GLU A 41 0.08 14.38 -29.24
C GLU A 41 0.27 15.78 -28.63
N THR A 42 -0.69 16.21 -27.82
CA THR A 42 -0.71 17.60 -27.36
C THR A 42 -0.71 17.77 -25.85
N GLY A 43 -1.13 16.74 -25.12
CA GLY A 43 -1.29 16.86 -23.68
C GLY A 43 -0.97 15.60 -22.90
N LYS A 44 -0.88 15.74 -21.58
CA LYS A 44 -0.70 14.60 -20.69
C LYS A 44 -2.02 13.86 -20.51
N CYS A 45 -1.94 12.53 -20.52
CA CYS A 45 -3.11 11.67 -20.44
C CYS A 45 -3.15 10.89 -19.13
N PRO A 46 -4.36 10.55 -18.65
CA PRO A 46 -4.45 9.54 -17.59
C PRO A 46 -3.98 8.20 -18.14
N ALA A 47 -3.52 7.33 -17.24
CA ALA A 47 -2.94 6.05 -17.63
C ALA A 47 -3.75 4.87 -17.12
N LEU A 48 -3.88 3.86 -17.97
CA LEU A 48 -4.58 2.62 -17.62
C LEU A 48 -3.64 1.46 -17.88
N TYR A 49 -3.36 0.69 -16.84
CA TYR A 49 -2.44 -0.45 -16.93
C TYR A 49 -3.22 -1.74 -17.09
N TRP A 50 -2.83 -2.56 -18.07
CA TRP A 50 -3.43 -3.88 -18.29
C TRP A 50 -2.47 -4.99 -17.91
N LEU A 51 -2.92 -5.90 -17.06
CA LEU A 51 -2.14 -7.08 -16.68
C LEU A 51 -2.69 -8.33 -17.37
N SER A 52 -1.82 -9.01 -18.11
CA SER A 52 -2.22 -10.20 -18.87
C SER A 52 -2.15 -11.48 -18.03
N GLY A 53 -2.81 -12.53 -18.51
CA GLY A 53 -2.81 -13.82 -17.84
C GLY A 53 -1.79 -14.78 -18.41
N LEU A 54 -2.02 -16.08 -18.18
CA LEU A 54 -1.09 -17.14 -18.57
C LEU A 54 -0.79 -17.21 -20.06
N THR A 55 0.45 -17.53 -20.40
CA THR A 55 0.88 -17.78 -21.77
C THR A 55 0.91 -16.50 -22.59
N CYS A 56 0.72 -15.38 -21.97
CA CYS A 56 0.68 -14.10 -22.68
C CYS A 56 1.99 -13.33 -22.57
N THR A 57 2.32 -12.63 -23.65
CA THR A 57 3.33 -11.59 -23.63
C THR A 57 2.56 -10.27 -23.67
N GLU A 58 3.30 -9.37 -24.00
CA GLU A 58 2.51 -8.16 -24.22
C GLU A 58 1.69 -8.27 -25.50
N GLN A 59 1.96 -8.92 -26.47
CA GLN A 59 1.37 -9.01 -27.81
C GLN A 59 -0.11 -9.41 -27.86
N ASN A 60 -0.52 -10.33 -26.98
CA ASN A 60 -1.88 -10.86 -26.98
C ASN A 60 -2.94 -9.77 -26.82
N PHE A 61 -2.82 -9.01 -25.74
CA PHE A 61 -3.78 -7.95 -25.45
C PHE A 61 -3.80 -6.88 -26.54
N ILE A 62 -2.62 -6.44 -26.99
CA ILE A 62 -2.56 -5.35 -27.95
C ILE A 62 -3.08 -5.71 -29.34
N SER A 63 -2.96 -6.98 -29.72
CA SER A 63 -3.36 -7.41 -31.05
C SER A 63 -4.78 -8.01 -31.10
N LYS A 64 -5.28 -8.51 -29.97
CA LYS A 64 -6.53 -9.29 -29.96
C LYS A 64 -7.72 -8.71 -29.18
N SER A 65 -7.47 -7.69 -28.34
CA SER A 65 -8.53 -7.20 -27.45
C SER A 65 -9.46 -6.16 -28.08
N GLY A 66 -8.98 -5.46 -29.10
CA GLY A 66 -9.76 -4.38 -29.72
C GLY A 66 -10.05 -3.20 -28.81
N TYR A 67 -9.14 -2.93 -27.88
CA TYR A 67 -9.32 -1.83 -26.93
C TYR A 67 -9.06 -0.44 -27.52
N HIS A 68 -8.39 -0.39 -28.67
CA HIS A 68 -7.88 0.88 -29.20
C HIS A 68 -8.93 1.95 -29.48
N GLN A 69 -10.04 1.56 -30.09
CA GLN A 69 -11.04 2.56 -30.45
C GLN A 69 -11.49 3.37 -29.24
N SER A 70 -11.89 2.69 -28.17
CA SER A 70 -12.37 3.39 -26.98
C SER A 70 -11.26 4.13 -26.25
N ALA A 71 -10.06 3.54 -26.19
CA ALA A 71 -8.91 4.25 -25.60
C ALA A 71 -8.57 5.53 -26.37
N SER A 72 -8.69 5.47 -27.68
CA SER A 72 -8.46 6.62 -28.53
C SER A 72 -9.51 7.70 -28.30
N GLU A 73 -10.78 7.30 -28.29
CA GLU A 73 -11.88 8.25 -28.14
C GLU A 73 -11.84 8.97 -26.79
N HIS A 74 -11.56 8.23 -25.72
CA HIS A 74 -11.49 8.80 -24.37
C HIS A 74 -10.14 9.42 -24.03
N GLY A 75 -9.11 9.07 -24.81
CA GLY A 75 -7.78 9.63 -24.61
C GLY A 75 -7.06 9.07 -23.41
N LEU A 76 -6.98 7.74 -23.35
CA LEU A 76 -6.23 7.06 -22.29
C LEU A 76 -4.93 6.48 -22.85
N VAL A 77 -3.83 6.71 -22.14
CA VAL A 77 -2.60 5.98 -22.40
C VAL A 77 -2.77 4.60 -21.77
N VAL A 78 -2.52 3.56 -22.54
CA VAL A 78 -2.70 2.19 -22.06
C VAL A 78 -1.34 1.48 -22.06
N ILE A 79 -0.96 0.96 -20.89
CA ILE A 79 0.32 0.28 -20.70
C ILE A 79 0.08 -1.20 -20.42
N ALA A 80 0.72 -2.07 -21.20
CA ALA A 80 0.58 -3.52 -21.04
C ALA A 80 1.96 -4.17 -20.91
N PRO A 81 2.40 -4.41 -19.67
CA PRO A 81 3.68 -5.07 -19.48
C PRO A 81 3.63 -6.55 -19.81
N ASP A 82 4.81 -7.13 -20.07
CA ASP A 82 4.92 -8.59 -20.11
C ASP A 82 4.54 -9.16 -18.74
N THR A 83 4.23 -10.44 -18.70
CA THR A 83 3.72 -11.08 -17.49
C THR A 83 4.82 -11.52 -16.53
N SER A 84 6.03 -11.72 -17.04
CA SER A 84 7.12 -12.27 -16.24
C SER A 84 8.50 -11.90 -16.81
N PRO A 85 9.55 -11.91 -15.96
CA PRO A 85 10.91 -11.71 -16.44
C PRO A 85 11.43 -12.84 -17.34
N ARG A 86 10.97 -14.08 -17.07
CA ARG A 86 11.46 -15.25 -17.79
C ARG A 86 10.30 -16.04 -18.39
N GLY A 87 10.65 -16.91 -19.36
CA GLY A 87 9.67 -17.82 -19.96
C GLY A 87 9.14 -18.85 -18.97
N CYS A 88 8.08 -19.55 -19.38
CA CYS A 88 7.39 -20.50 -18.51
C CYS A 88 8.16 -21.80 -18.35
N ASN A 89 8.21 -22.31 -17.12
CA ASN A 89 8.86 -23.60 -16.84
C ASN A 89 7.99 -24.81 -17.21
N ILE A 90 6.72 -24.56 -17.50
CA ILE A 90 5.80 -25.61 -17.93
C ILE A 90 5.66 -25.58 -19.45
N PHE A 99 -1.43 -29.44 -13.86
CA PHE A 99 -0.20 -29.64 -13.10
C PHE A 99 0.47 -28.34 -12.79
N GLY A 100 -0.39 -27.37 -12.58
CA GLY A 100 0.00 -26.01 -12.22
C GLY A 100 0.17 -25.11 -13.44
N THR A 101 0.28 -23.82 -13.18
CA THR A 101 0.45 -22.82 -14.24
C THR A 101 1.91 -22.49 -14.46
N GLY A 102 2.71 -22.60 -13.39
CA GLY A 102 4.12 -22.22 -13.43
C GLY A 102 4.33 -20.72 -13.30
N ALA A 103 3.22 -19.98 -13.21
CA ALA A 103 3.26 -18.52 -13.15
C ALA A 103 3.29 -18.01 -11.70
N GLY A 104 3.71 -16.77 -11.52
CA GLY A 104 3.97 -16.22 -10.20
C GLY A 104 2.91 -15.30 -9.62
N PHE A 105 1.82 -15.09 -10.36
CA PHE A 105 0.64 -14.40 -9.85
C PHE A 105 0.91 -12.96 -9.39
N TYR A 106 1.84 -12.26 -10.04
CA TYR A 106 2.11 -10.84 -9.76
C TYR A 106 2.50 -10.56 -8.31
N VAL A 107 3.15 -11.53 -7.68
CA VAL A 107 3.66 -11.34 -6.32
C VAL A 107 5.11 -10.84 -6.36
N ASP A 108 5.59 -10.36 -5.21
CA ASP A 108 7.03 -10.25 -4.97
C ASP A 108 7.44 -11.55 -4.30
N ALA A 109 8.15 -12.39 -5.04
CA ALA A 109 8.51 -13.72 -4.57
C ALA A 109 9.44 -13.68 -3.36
N THR A 110 9.25 -14.64 -2.45
CA THR A 110 10.04 -14.71 -1.22
C THR A 110 10.86 -16.00 -1.18
N GLU A 111 10.68 -16.88 -2.16
CA GLU A 111 11.43 -18.13 -2.22
C GLU A 111 12.44 -18.10 -3.36
N ASP A 112 13.65 -18.59 -3.09
CA ASP A 112 14.64 -18.80 -4.13
C ASP A 112 14.21 -19.98 -4.99
N PRO A 113 14.53 -19.95 -6.30
CA PRO A 113 15.28 -18.90 -6.99
C PRO A 113 14.42 -17.73 -7.49
N TRP A 114 13.10 -17.84 -7.31
CA TRP A 114 12.17 -16.79 -7.76
C TRP A 114 12.43 -15.46 -7.08
N LYS A 115 12.82 -15.54 -5.79
CA LYS A 115 13.26 -14.41 -4.95
C LYS A 115 14.03 -13.32 -5.68
N THR A 116 15.07 -13.73 -6.40
CA THR A 116 16.05 -12.80 -6.94
C THR A 116 15.49 -11.93 -8.07
N ASN A 117 14.57 -12.48 -8.85
CA ASN A 117 14.11 -11.83 -10.08
C ASN A 117 12.61 -11.58 -10.20
N TYR A 118 11.80 -12.46 -9.62
CA TYR A 118 10.35 -12.33 -9.73
C TYR A 118 9.80 -11.34 -8.70
N ARG A 119 9.86 -10.07 -9.08
CA ARG A 119 9.41 -8.97 -8.24
CA ARG A 119 9.38 -8.98 -8.22
C ARG A 119 8.32 -8.19 -8.98
N MET A 120 7.33 -8.93 -9.48
CA MET A 120 6.30 -8.35 -10.34
C MET A 120 5.36 -7.39 -9.64
N TYR A 121 5.09 -7.60 -8.35
CA TYR A 121 4.26 -6.66 -7.60
C TYR A 121 4.91 -5.29 -7.54
N SER A 122 6.18 -5.24 -7.15
CA SER A 122 6.92 -3.97 -7.10
C SER A 122 7.13 -3.38 -8.48
N TYR A 123 7.32 -4.22 -9.49
CA TYR A 123 7.47 -3.75 -10.87
C TYR A 123 6.21 -3.01 -11.34
N VAL A 124 5.08 -3.68 -11.21
CA VAL A 124 3.82 -3.10 -11.63
C VAL A 124 3.39 -1.81 -10.84
N THR A 125 3.57 -1.84 -9.53
CA THR A 125 3.08 -0.76 -8.66
C THR A 125 4.06 0.40 -8.48
N GLU A 126 5.36 0.14 -8.62
CA GLU A 126 6.36 1.17 -8.36
C GLU A 126 7.28 1.47 -9.56
N GLU A 127 8.03 0.48 -10.03
CA GLU A 127 9.03 0.75 -11.07
C GLU A 127 8.41 1.19 -12.40
N LEU A 128 7.45 0.41 -12.90
CA LEU A 128 6.86 0.71 -14.20
C LEU A 128 6.19 2.08 -14.27
N PRO A 129 5.32 2.42 -13.29
CA PRO A 129 4.72 3.76 -13.35
C PRO A 129 5.75 4.89 -13.31
N GLN A 130 6.83 4.73 -12.54
CA GLN A 130 7.91 5.72 -12.53
C GLN A 130 8.51 5.89 -13.93
N LEU A 131 8.73 4.77 -14.60
CA LEU A 131 9.30 4.77 -15.95
C LEU A 131 8.36 5.42 -16.96
N ILE A 132 7.09 5.05 -16.90
CA ILE A 132 6.07 5.63 -17.79
C ILE A 132 5.97 7.13 -17.60
N ASN A 133 5.92 7.58 -16.35
CA ASN A 133 5.77 9.00 -16.04
C ASN A 133 6.95 9.83 -16.52
N ALA A 134 8.15 9.24 -16.49
CA ALA A 134 9.37 9.92 -16.89
C ALA A 134 9.53 10.02 -18.41
N ASN A 135 8.88 9.12 -19.14
CA ASN A 135 9.12 8.93 -20.57
C ASN A 135 7.98 9.30 -21.51
N PHE A 136 6.76 9.38 -20.97
CA PHE A 136 5.59 9.56 -21.82
C PHE A 136 4.71 10.71 -21.32
N PRO A 137 3.83 11.23 -22.19
CA PRO A 137 2.92 12.28 -21.75
C PRO A 137 1.77 11.71 -20.93
N VAL A 138 2.04 11.43 -19.68
CA VAL A 138 1.10 10.82 -18.77
C VAL A 138 1.00 11.67 -17.52
N ASP A 139 -0.18 11.82 -17.04
CA ASP A 139 -0.45 12.52 -15.79
C ASP A 139 -0.18 11.55 -14.65
N PRO A 140 0.87 11.81 -13.84
CA PRO A 140 1.21 10.87 -12.77
C PRO A 140 0.09 10.70 -11.73
N GLN A 141 -0.82 11.66 -11.66
CA GLN A 141 -1.86 11.70 -10.63
C GLN A 141 -3.09 10.85 -10.94
N ARG A 142 -3.21 10.39 -12.19
CA ARG A 142 -4.38 9.61 -12.61
C ARG A 142 -3.98 8.29 -13.27
N MET A 143 -4.17 7.22 -12.52
CA MET A 143 -3.79 5.88 -12.94
C MET A 143 -4.88 4.90 -12.52
N SER A 144 -5.23 3.99 -13.42
CA SER A 144 -6.15 2.90 -13.12
C SER A 144 -5.55 1.58 -13.60
N ILE A 145 -6.18 0.48 -13.24
CA ILE A 145 -5.61 -0.83 -13.54
C ILE A 145 -6.70 -1.87 -13.81
N PHE A 146 -6.42 -2.76 -14.76
CA PHE A 146 -7.32 -3.86 -15.09
C PHE A 146 -6.54 -5.04 -15.68
N GLY A 147 -7.22 -6.16 -15.90
CA GLY A 147 -6.52 -7.33 -16.42
C GLY A 147 -7.41 -8.55 -16.55
N HIS A 148 -6.80 -9.66 -16.97
CA HIS A 148 -7.51 -10.88 -17.29
C HIS A 148 -6.91 -12.06 -16.54
N SER A 149 -7.78 -12.88 -15.94
CA SER A 149 -7.36 -14.12 -15.29
C SER A 149 -6.36 -13.88 -14.14
N MET A 150 -5.14 -14.40 -14.27
CA MET A 150 -4.08 -14.10 -13.31
C MET A 150 -3.82 -12.59 -13.25
N GLY A 151 -3.98 -11.92 -14.38
CA GLY A 151 -3.89 -10.46 -14.45
C GLY A 151 -5.08 -9.74 -13.86
N GLY A 152 -6.23 -10.43 -13.79
CA GLY A 152 -7.41 -9.91 -13.12
C GLY A 152 -7.20 -9.91 -11.62
N HIS A 153 -6.68 -11.05 -11.13
CA HIS A 153 -6.17 -11.14 -9.78
C HIS A 153 -5.15 -10.03 -9.51
N GLY A 154 -4.19 -9.87 -10.41
CA GLY A 154 -3.16 -8.85 -10.27
C GLY A 154 -3.72 -7.45 -10.12
N ALA A 155 -4.67 -7.10 -10.98
CA ALA A 155 -5.25 -5.76 -10.94
C ALA A 155 -5.98 -5.52 -9.62
N LEU A 156 -6.78 -6.49 -9.19
CA LEU A 156 -7.51 -6.36 -7.95
C LEU A 156 -6.59 -6.17 -6.76
N ILE A 157 -5.55 -6.99 -6.65
CA ILE A 157 -4.67 -6.89 -5.49
C ILE A 157 -3.81 -5.62 -5.51
N CYS A 158 -3.40 -5.17 -6.70
CA CYS A 158 -2.67 -3.91 -6.79
C CYS A 158 -3.52 -2.73 -6.30
N ALA A 159 -4.79 -2.73 -6.68
CA ALA A 159 -5.71 -1.67 -6.24
C ALA A 159 -6.04 -1.77 -4.76
N LEU A 160 -6.34 -2.97 -4.29
CA LEU A 160 -6.77 -3.17 -2.90
C LEU A 160 -5.64 -2.97 -1.87
N LYS A 161 -4.41 -3.24 -2.28
CA LYS A 161 -3.25 -3.07 -1.38
C LYS A 161 -2.77 -1.63 -1.32
N ASN A 162 -3.27 -0.80 -2.23
CA ASN A 162 -2.81 0.58 -2.35
C ASN A 162 -4.00 1.52 -2.50
N PRO A 163 -4.74 1.75 -1.39
CA PRO A 163 -5.98 2.54 -1.45
C PRO A 163 -5.75 3.91 -2.05
N GLY A 164 -6.60 4.28 -3.01
CA GLY A 164 -6.51 5.58 -3.66
C GLY A 164 -5.44 5.73 -4.73
N LYS A 165 -4.52 4.75 -4.81
CA LYS A 165 -3.43 4.79 -5.80
C LYS A 165 -3.99 4.67 -7.22
N TYR A 166 -5.03 3.86 -7.35
CA TYR A 166 -5.73 3.67 -8.61
C TYR A 166 -7.13 4.27 -8.51
N LYS A 167 -7.54 4.98 -9.55
CA LYS A 167 -8.83 5.67 -9.55
C LYS A 167 -9.97 4.68 -9.74
N SER A 168 -9.64 3.53 -10.35
CA SER A 168 -10.61 2.49 -10.64
C SER A 168 -9.90 1.19 -10.98
N VAL A 169 -10.64 0.09 -10.84
CA VAL A 169 -10.14 -1.25 -11.16
C VAL A 169 -11.23 -2.06 -11.85
N SER A 170 -10.84 -2.90 -12.79
CA SER A 170 -11.78 -3.84 -13.39
C SER A 170 -11.05 -5.13 -13.76
N ALA A 171 -11.82 -6.17 -14.08
CA ALA A 171 -11.20 -7.44 -14.42
C ALA A 171 -12.09 -8.29 -15.31
N PHE A 172 -11.44 -9.13 -16.11
CA PHE A 172 -12.09 -10.17 -16.89
C PHE A 172 -11.68 -11.51 -16.29
N ALA A 173 -12.66 -12.29 -15.85
CA ALA A 173 -12.43 -13.63 -15.30
C ALA A 173 -11.27 -13.67 -14.27
N PRO A 174 -11.29 -12.77 -13.27
CA PRO A 174 -10.21 -12.76 -12.28
C PRO A 174 -10.18 -14.00 -11.40
N ILE A 175 -8.98 -14.38 -10.97
CA ILE A 175 -8.81 -15.35 -9.91
C ILE A 175 -9.03 -14.58 -8.59
N CYS A 176 -10.20 -14.78 -7.98
CA CYS A 176 -10.65 -13.93 -6.87
C CYS A 176 -10.22 -14.36 -5.47
N ASN A 177 -9.94 -15.65 -5.30
CA ASN A 177 -9.63 -16.19 -3.99
C ASN A 177 -8.52 -17.25 -4.15
N PRO A 178 -7.33 -16.80 -4.59
CA PRO A 178 -6.23 -17.70 -4.96
C PRO A 178 -5.78 -18.65 -3.84
N VAL A 179 -5.93 -18.26 -2.58
CA VAL A 179 -5.52 -19.14 -1.48
C VAL A 179 -6.33 -20.44 -1.41
N LEU A 180 -7.47 -20.46 -2.08
CA LEU A 180 -8.35 -21.63 -2.01
C LEU A 180 -8.40 -22.50 -3.27
N CYS A 181 -7.89 -21.99 -4.39
CA CYS A 181 -7.93 -22.74 -5.65
C CYS A 181 -6.59 -23.41 -5.95
N PRO A 182 -6.61 -24.52 -6.73
CA PRO A 182 -5.38 -25.24 -7.07
C PRO A 182 -4.31 -24.37 -7.74
N TRP A 183 -4.69 -23.51 -8.69
CA TRP A 183 -3.72 -22.66 -9.37
C TRP A 183 -3.00 -21.75 -8.39
N GLY A 184 -3.77 -21.12 -7.50
CA GLY A 184 -3.23 -20.21 -6.51
C GLY A 184 -2.37 -20.92 -5.48
N LYS A 185 -2.86 -22.08 -5.00
CA LYS A 185 -2.11 -22.86 -4.02
C LYS A 185 -0.75 -23.29 -4.57
N LYS A 186 -0.73 -23.74 -5.82
CA LYS A 186 0.50 -24.18 -6.48
C LYS A 186 1.47 -23.02 -6.74
N ALA A 187 0.93 -21.89 -7.19
CA ALA A 187 1.73 -20.70 -7.44
C ALA A 187 2.30 -20.10 -6.16
N PHE A 188 1.42 -19.87 -5.16
CA PHE A 188 1.85 -19.31 -3.88
C PHE A 188 2.85 -20.23 -3.17
N SER A 189 2.63 -21.54 -3.26
CA SER A 189 3.55 -22.52 -2.65
C SER A 189 4.96 -22.35 -3.20
N GLY A 190 5.08 -22.21 -4.52
CA GLY A 190 6.37 -22.06 -5.17
C GLY A 190 7.03 -20.72 -4.92
N TYR A 191 6.26 -19.65 -5.06
CA TYR A 191 6.82 -18.30 -5.05
C TYR A 191 6.88 -17.68 -3.65
N LEU A 192 5.93 -18.06 -2.78
CA LEU A 192 5.84 -17.49 -1.44
C LEU A 192 6.08 -18.52 -0.33
N GLY A 193 6.13 -19.79 -0.69
CA GLY A 193 6.37 -20.86 0.29
C GLY A 193 5.12 -21.20 1.07
N SER A 197 0.13 -18.27 4.70
CA SER A 197 0.26 -17.18 5.69
C SER A 197 0.82 -15.87 5.15
N LYS A 198 1.86 -15.94 4.33
CA LYS A 198 2.18 -14.84 3.45
C LYS A 198 1.12 -14.65 2.33
N TRP A 199 0.33 -15.67 2.10
CA TRP A 199 -0.54 -15.77 0.92
C TRP A 199 -1.68 -14.77 0.93
N LYS A 200 -2.29 -14.57 2.10
CA LYS A 200 -3.50 -13.74 2.22
C LYS A 200 -3.27 -12.28 1.82
N ALA A 201 -2.03 -11.81 1.95
CA ALA A 201 -1.66 -10.45 1.52
C ALA A 201 -1.75 -10.27 0.00
N TYR A 202 -1.90 -11.38 -0.71
CA TYR A 202 -2.04 -11.35 -2.17
C TYR A 202 -3.34 -12.00 -2.65
N ASP A 203 -4.37 -11.95 -1.80
CA ASP A 203 -5.66 -12.56 -2.11
C ASP A 203 -6.76 -11.50 -2.06
N ALA A 204 -7.42 -11.25 -3.19
CA ALA A 204 -8.41 -10.17 -3.28
C ALA A 204 -9.56 -10.31 -2.30
N THR A 205 -10.00 -11.54 -2.07
CA THR A 205 -11.10 -11.79 -1.15
C THR A 205 -10.72 -11.41 0.28
N HIS A 206 -9.50 -11.75 0.69
CA HIS A 206 -9.01 -11.33 2.00
C HIS A 206 -8.81 -9.82 2.08
N LEU A 207 -8.18 -9.26 1.06
CA LEU A 207 -7.79 -7.84 1.04
C LEU A 207 -8.95 -6.87 1.09
N VAL A 208 -10.06 -7.22 0.42
CA VAL A 208 -11.21 -6.32 0.36
C VAL A 208 -11.90 -6.20 1.73
N LYS A 209 -11.75 -7.23 2.56
CA LYS A 209 -12.38 -7.27 3.89
C LYS A 209 -11.89 -6.18 4.84
N SER A 210 -10.68 -5.68 4.60
CA SER A 210 -10.10 -4.63 5.43
C SER A 210 -9.77 -3.36 4.64
N TYR A 211 -10.32 -3.26 3.42
CA TYR A 211 -10.14 -2.07 2.59
C TYR A 211 -10.84 -0.87 3.21
N PRO A 212 -10.12 0.27 3.32
CA PRO A 212 -10.71 1.48 3.89
C PRO A 212 -11.46 2.29 2.85
N LEU A 216 -12.48 1.83 -5.12
CA LEU A 216 -13.83 1.70 -4.64
C LEU A 216 -14.83 1.36 -5.72
N ASP A 217 -14.55 1.67 -6.96
CA ASP A 217 -15.48 1.25 -8.01
C ASP A 217 -14.90 0.14 -8.86
N ILE A 218 -15.52 -1.03 -8.74
CA ILE A 218 -15.02 -2.27 -9.32
C ILE A 218 -16.01 -2.81 -10.35
N LEU A 219 -15.51 -3.15 -11.53
CA LEU A 219 -16.30 -3.80 -12.57
C LEU A 219 -15.64 -5.13 -12.91
N ILE A 220 -16.42 -6.21 -12.88
CA ILE A 220 -15.91 -7.52 -13.25
C ILE A 220 -16.86 -8.18 -14.24
N ASP A 221 -16.29 -8.69 -15.33
CA ASP A 221 -17.01 -9.52 -16.29
C ASP A 221 -16.50 -10.95 -16.19
N GLN A 222 -17.44 -11.90 -16.19
CA GLN A 222 -17.11 -13.32 -16.10
C GLN A 222 -17.96 -14.11 -17.09
N GLY A 223 -17.32 -14.83 -17.99
CA GLY A 223 -18.03 -15.72 -18.91
C GLY A 223 -18.54 -16.93 -18.15
N LYS A 224 -19.79 -17.31 -18.40
CA LYS A 224 -20.42 -18.42 -17.69
C LYS A 224 -19.95 -19.78 -18.21
N ASP A 225 -19.48 -19.81 -19.45
CA ASP A 225 -18.98 -21.05 -20.06
C ASP A 225 -17.44 -21.08 -20.04
N ASP A 226 -16.88 -20.38 -19.06
CA ASP A 226 -15.44 -20.32 -18.83
C ASP A 226 -15.02 -21.61 -18.13
N GLN A 227 -14.20 -22.42 -18.80
CA GLN A 227 -13.77 -23.71 -18.25
C GLN A 227 -13.11 -23.58 -16.88
N PHE A 228 -12.40 -22.47 -16.67
CA PHE A 228 -11.68 -22.26 -15.43
C PHE A 228 -12.59 -21.82 -14.29
N LEU A 229 -13.71 -21.17 -14.64
CA LEU A 229 -14.78 -20.93 -13.69
C LEU A 229 -15.41 -22.26 -13.26
N LEU A 230 -15.70 -23.10 -14.24
CA LEU A 230 -16.32 -24.40 -13.99
C LEU A 230 -15.40 -25.33 -13.20
N ASP A 231 -14.09 -25.15 -13.38
CA ASP A 231 -13.07 -25.92 -12.66
C ASP A 231 -12.83 -25.43 -11.23
N GLY A 232 -13.43 -24.28 -10.89
CA GLY A 232 -13.30 -23.71 -9.55
C GLY A 232 -12.04 -22.90 -9.29
N GLN A 233 -11.39 -22.45 -10.36
CA GLN A 233 -10.16 -21.67 -10.21
C GLN A 233 -10.43 -20.21 -9.84
N LEU A 234 -11.62 -19.72 -10.17
CA LEU A 234 -11.87 -18.28 -10.12
C LEU A 234 -12.58 -17.79 -8.86
N LEU A 235 -13.52 -18.59 -8.37
CA LEU A 235 -14.22 -18.33 -7.11
C LEU A 235 -14.76 -16.89 -6.92
N PRO A 236 -15.45 -16.34 -7.95
CA PRO A 236 -15.90 -14.95 -7.84
C PRO A 236 -16.91 -14.70 -6.71
N ASP A 237 -17.74 -15.69 -6.39
CA ASP A 237 -18.77 -15.50 -5.38
C ASP A 237 -18.20 -15.19 -4.00
N ASN A 238 -17.03 -15.75 -3.70
CA ASN A 238 -16.33 -15.44 -2.45
C ASN A 238 -15.93 -13.96 -2.36
N PHE A 239 -15.47 -13.41 -3.48
CA PHE A 239 -15.08 -12.01 -3.52
C PHE A 239 -16.29 -11.07 -3.47
N ILE A 240 -17.32 -11.39 -4.26
CA ILE A 240 -18.53 -10.58 -4.28
C ILE A 240 -19.17 -10.53 -2.89
N ALA A 241 -19.17 -11.67 -2.20
CA ALA A 241 -19.74 -11.73 -0.85
C ALA A 241 -18.94 -10.85 0.12
N ALA A 242 -17.63 -10.84 -0.03
CA ALA A 242 -16.75 -10.01 0.81
C ALA A 242 -16.96 -8.52 0.53
N CYS A 243 -17.20 -8.17 -0.73
CA CYS A 243 -17.55 -6.80 -1.12
C CYS A 243 -18.87 -6.35 -0.52
N THR A 244 -19.88 -7.21 -0.62
CA THR A 244 -21.23 -6.93 -0.14
C THR A 244 -21.25 -6.67 1.37
N GLU A 245 -20.44 -7.42 2.08
CA GLU A 245 -20.38 -7.27 3.51
C GLU A 245 -19.70 -5.95 3.87
N LYS A 246 -18.74 -5.55 3.08
CA LYS A 246 -18.00 -4.32 3.32
C LYS A 246 -18.71 -3.12 2.69
N LYS A 247 -19.83 -3.35 2.06
CA LYS A 247 -20.50 -2.29 1.38
C LYS A 247 -19.65 -1.58 0.32
N ILE A 248 -18.72 -2.32 -0.28
CA ILE A 248 -17.93 -1.87 -1.43
C ILE A 248 -18.75 -2.06 -2.70
N PRO A 249 -18.93 -0.98 -3.50
CA PRO A 249 -19.74 -1.08 -4.70
C PRO A 249 -19.04 -1.86 -5.81
N VAL A 250 -19.58 -3.05 -6.11
CA VAL A 250 -19.04 -3.87 -7.18
C VAL A 250 -20.14 -4.21 -8.19
N VAL A 251 -19.80 -4.11 -9.46
CA VAL A 251 -20.67 -4.57 -10.54
C VAL A 251 -20.05 -5.85 -11.09
N PHE A 252 -20.71 -6.99 -10.83
CA PHE A 252 -20.25 -8.28 -11.32
C PHE A 252 -21.24 -8.80 -12.37
N ARG A 253 -20.76 -8.98 -13.59
CA ARG A 253 -21.61 -9.41 -14.69
C ARG A 253 -21.28 -10.82 -15.15
N LEU A 254 -22.21 -11.74 -14.93
CA LEU A 254 -22.07 -13.09 -15.43
C LEU A 254 -22.60 -13.11 -16.85
N GLN A 255 -21.72 -13.41 -17.81
CA GLN A 255 -22.05 -13.29 -19.22
C GLN A 255 -22.29 -14.66 -19.84
N GLU A 256 -23.55 -14.92 -20.18
CA GLU A 256 -23.99 -16.24 -20.67
C GLU A 256 -23.23 -16.71 -21.91
N ASP A 257 -22.76 -17.95 -21.84
CA ASP A 257 -22.11 -18.64 -22.97
C ASP A 257 -20.75 -18.09 -23.41
N TYR A 258 -20.24 -17.08 -22.70
CA TYR A 258 -18.90 -16.57 -22.97
C TYR A 258 -17.85 -17.41 -22.27
N ASP A 259 -16.68 -17.50 -22.89
CA ASP A 259 -15.58 -18.30 -22.36
C ASP A 259 -14.44 -17.43 -21.79
N HIS A 260 -13.24 -18.00 -21.70
CA HIS A 260 -12.09 -17.34 -21.08
C HIS A 260 -11.25 -16.56 -22.10
N SER A 261 -11.63 -16.65 -23.38
CA SER A 261 -10.77 -16.20 -24.49
C SER A 261 -10.79 -14.70 -24.73
N TYR A 262 -9.88 -14.23 -25.58
CA TYR A 262 -9.87 -12.84 -25.99
C TYR A 262 -11.09 -12.43 -26.83
N TYR A 263 -11.84 -13.41 -27.34
CA TYR A 263 -13.12 -13.12 -27.99
C TYR A 263 -14.14 -12.59 -26.97
N PHE A 264 -14.08 -13.12 -25.76
CA PHE A 264 -14.88 -12.63 -24.63
C PHE A 264 -14.40 -11.24 -24.21
N ILE A 265 -13.09 -11.09 -24.01
CA ILE A 265 -12.52 -9.81 -23.62
C ILE A 265 -12.92 -8.73 -24.63
N ALA A 266 -12.75 -9.02 -25.92
CA ALA A 266 -13.06 -8.04 -26.97
C ALA A 266 -14.53 -7.58 -26.96
N THR A 267 -15.42 -8.47 -26.52
CA THR A 267 -16.84 -8.15 -26.52
C THR A 267 -17.17 -7.07 -25.49
N PHE A 268 -16.45 -7.06 -24.37
CA PHE A 268 -16.79 -6.15 -23.27
C PHE A 268 -15.75 -5.09 -22.95
N ILE A 269 -14.67 -5.06 -23.72
CA ILE A 269 -13.57 -4.14 -23.43
C ILE A 269 -13.98 -2.67 -23.47
N THR A 270 -14.88 -2.31 -24.38
CA THR A 270 -15.34 -0.93 -24.46
C THR A 270 -16.03 -0.49 -23.16
N ASP A 271 -16.83 -1.38 -22.57
CA ASP A 271 -17.46 -1.09 -21.27
C ASP A 271 -16.40 -0.78 -20.21
N HIS A 272 -15.31 -1.53 -20.23
CA HIS A 272 -14.24 -1.33 -19.26
C HIS A 272 -13.49 -0.03 -19.48
N ILE A 273 -13.18 0.29 -20.73
CA ILE A 273 -12.50 1.54 -21.02
C ILE A 273 -13.38 2.74 -20.62
N ARG A 274 -14.68 2.63 -20.88
CA ARG A 274 -15.64 3.68 -20.48
C ARG A 274 -15.68 3.83 -18.95
N HIS A 275 -15.68 2.70 -18.25
CA HIS A 275 -15.65 2.65 -16.79
C HIS A 275 -14.42 3.43 -16.27
N HIS A 276 -13.24 3.08 -16.76
CA HIS A 276 -12.02 3.75 -16.31
C HIS A 276 -11.96 5.21 -16.72
N ALA A 277 -12.44 5.51 -17.93
CA ALA A 277 -12.45 6.89 -18.41
C ALA A 277 -13.24 7.79 -17.46
N LYS A 278 -14.36 7.27 -16.96
CA LYS A 278 -15.18 8.01 -16.01
C LYS A 278 -14.41 8.38 -14.74
N TYR A 279 -13.76 7.39 -14.14
CA TYR A 279 -13.06 7.61 -12.86
C TYR A 279 -11.71 8.28 -13.02
N LEU A 280 -11.16 8.24 -14.23
CA LEU A 280 -9.94 8.98 -14.56
C LEU A 280 -10.26 10.41 -15.01
N ASN A 281 -11.54 10.78 -14.99
CA ASN A 281 -12.01 12.09 -15.46
C ASN A 281 -11.56 12.42 -16.88
N ALA A 282 -11.57 11.40 -17.75
CA ALA A 282 -11.27 11.59 -19.16
C ALA A 282 -12.56 11.83 -19.93
N LEU B 3 -4.60 -13.67 22.45
CA LEU B 3 -3.89 -12.65 23.27
C LEU B 3 -3.54 -13.16 24.65
N LYS B 4 -2.38 -12.71 25.14
CA LYS B 4 -1.94 -12.98 26.50
C LYS B 4 -1.72 -11.65 27.20
N GLN B 5 -2.44 -11.42 28.29
CA GLN B 5 -2.25 -10.20 29.08
C GLN B 5 -0.94 -10.25 29.86
N ILE B 6 -0.12 -9.21 29.69
CA ILE B 6 1.16 -9.08 30.36
C ILE B 6 1.03 -8.23 31.63
N SER B 7 0.29 -7.13 31.52
CA SER B 7 0.12 -6.24 32.66
C SER B 7 -1.20 -5.48 32.55
N SER B 8 -1.68 -5.02 33.70
CA SER B 8 -2.86 -4.16 33.78
C SER B 8 -2.71 -3.23 34.98
N ASN B 9 -2.78 -1.92 34.72
CA ASN B 9 -2.65 -0.91 35.76
C ASN B 9 -3.70 0.19 35.57
N LYS B 10 -4.46 0.48 36.62
CA LYS B 10 -5.49 1.51 36.54
C LYS B 10 -4.86 2.90 36.47
N CYS B 11 -5.37 3.73 35.58
CA CYS B 11 -4.82 5.06 35.35
C CYS B 11 -5.92 5.96 34.85
N PHE B 12 -6.19 7.03 35.61
CA PHE B 12 -7.30 7.93 35.32
C PHE B 12 -8.62 7.19 35.00
N GLY B 13 -8.96 6.25 35.87
CA GLY B 13 -10.22 5.50 35.76
C GLY B 13 -10.18 4.32 34.81
N GLY B 14 -9.42 4.46 33.71
CA GLY B 14 -9.28 3.41 32.73
C GLY B 14 -8.16 2.43 33.08
N LEU B 15 -7.96 1.44 32.22
CA LEU B 15 -6.93 0.43 32.43
C LEU B 15 -5.86 0.49 31.36
N GLN B 16 -4.61 0.70 31.80
CA GLN B 16 -3.47 0.59 30.90
C GLN B 16 -3.05 -0.87 30.90
N LYS B 17 -3.21 -1.52 29.75
CA LYS B 17 -2.82 -2.91 29.61
C LYS B 17 -1.65 -3.06 28.63
N VAL B 18 -0.93 -4.16 28.77
CA VAL B 18 0.03 -4.61 27.76
C VAL B 18 -0.31 -6.07 27.43
N PHE B 19 -0.31 -6.39 26.13
CA PHE B 19 -0.62 -7.73 25.65
C PHE B 19 0.52 -8.28 24.81
N GLU B 20 0.61 -9.61 24.75
CA GLU B 20 1.50 -10.29 23.83
C GLU B 20 0.67 -11.12 22.86
N HIS B 21 1.11 -11.20 21.62
CA HIS B 21 0.47 -12.05 20.62
C HIS B 21 1.50 -12.60 19.63
N ASP B 22 1.12 -13.62 18.87
CA ASP B 22 1.94 -14.13 17.78
C ASP B 22 1.56 -13.41 16.50
N SER B 23 2.47 -12.60 15.97
CA SER B 23 2.20 -11.83 14.77
C SER B 23 2.35 -12.66 13.50
N VAL B 24 1.35 -12.59 12.63
CA VAL B 24 1.37 -13.26 11.34
C VAL B 24 2.26 -12.51 10.36
N GLU B 25 2.12 -11.17 10.32
CA GLU B 25 2.88 -10.33 9.40
C GLU B 25 4.38 -10.30 9.73
N LEU B 26 4.70 -10.32 11.02
CA LEU B 26 6.08 -10.18 11.47
C LEU B 26 6.73 -11.50 11.85
N ASN B 27 5.94 -12.57 11.87
CA ASN B 27 6.43 -13.92 12.20
C ASN B 27 7.22 -13.98 13.51
N CYS B 28 6.67 -13.34 14.54
CA CYS B 28 7.30 -13.31 15.87
C CYS B 28 6.28 -12.95 16.95
N LYS B 29 6.68 -13.15 18.20
CA LYS B 29 5.92 -12.70 19.37
C LYS B 29 6.07 -11.18 19.50
N MET B 30 4.94 -10.49 19.61
CA MET B 30 4.94 -9.03 19.74
C MET B 30 4.19 -8.58 20.99
N LYS B 31 4.65 -7.49 21.58
CA LYS B 31 3.93 -6.84 22.67
C LYS B 31 3.36 -5.51 22.19
N PHE B 32 2.17 -5.18 22.66
CA PHE B 32 1.58 -3.87 22.40
C PHE B 32 0.80 -3.40 23.61
N ALA B 33 0.71 -2.09 23.78
CA ALA B 33 -0.04 -1.51 24.88
C ALA B 33 -1.43 -1.10 24.41
N VAL B 34 -2.43 -1.28 25.27
CA VAL B 34 -3.79 -0.81 24.99
C VAL B 34 -4.32 -0.12 26.24
N TYR B 35 -4.80 1.11 26.07
CA TYR B 35 -5.49 1.81 27.14
C TYR B 35 -6.99 1.76 26.90
N LEU B 36 -7.71 1.22 27.87
CA LEU B 36 -9.16 1.18 27.83
C LEU B 36 -9.70 2.26 28.76
N PRO B 37 -10.25 3.36 28.19
CA PRO B 37 -10.76 4.43 29.03
C PRO B 37 -12.01 3.97 29.76
N PRO B 38 -12.46 4.72 30.78
CA PRO B 38 -13.69 4.35 31.48
C PRO B 38 -14.83 4.02 30.50
N LYS B 39 -14.89 4.78 29.41
CA LYS B 39 -15.89 4.56 28.35
C LYS B 39 -15.86 3.13 27.74
N ALA B 40 -14.67 2.59 27.64
CA ALA B 40 -14.49 1.28 27.04
C ALA B 40 -15.00 0.12 27.90
N CYS B 45 -15.50 2.42 21.60
CA CYS B 45 -14.77 3.69 21.54
C CYS B 45 -14.01 3.83 20.22
N PRO B 46 -13.80 5.08 19.77
CA PRO B 46 -12.83 5.30 18.70
C PRO B 46 -11.44 4.91 19.17
N ALA B 47 -10.58 4.57 18.23
CA ALA B 47 -9.21 4.14 18.52
C ALA B 47 -8.19 5.15 18.02
N LEU B 48 -7.15 5.35 18.81
CA LEU B 48 -6.04 6.21 18.44
C LEU B 48 -4.75 5.41 18.56
N TYR B 49 -4.00 5.32 17.45
CA TYR B 49 -2.76 4.54 17.41
C TYR B 49 -1.57 5.47 17.56
N TRP B 50 -0.70 5.17 18.53
CA TRP B 50 0.54 5.91 18.70
C TRP B 50 1.72 5.10 18.22
N LEU B 51 2.47 5.66 17.28
CA LEU B 51 3.69 5.02 16.77
C LEU B 51 4.94 5.65 17.40
N SER B 52 5.77 4.80 17.97
CA SER B 52 6.97 5.28 18.66
C SER B 52 8.19 5.35 17.74
N GLY B 53 9.20 6.08 18.20
CA GLY B 53 10.41 6.31 17.41
C GLY B 53 11.54 5.34 17.68
N LEU B 54 12.71 5.65 17.13
CA LEU B 54 13.87 4.78 17.23
C LEU B 54 14.18 4.38 18.66
N THR B 55 14.52 3.10 18.84
CA THR B 55 14.93 2.49 20.11
C THR B 55 13.81 2.19 21.12
N CYS B 56 12.60 2.69 20.85
CA CYS B 56 11.49 2.51 21.76
C CYS B 56 10.92 1.10 21.75
N THR B 57 10.33 0.70 22.88
CA THR B 57 9.47 -0.46 22.94
C THR B 57 8.04 0.05 23.14
N GLU B 58 7.14 -0.84 23.56
CA GLU B 58 5.75 -0.49 23.84
C GLU B 58 5.62 0.22 25.20
N GLN B 59 6.74 0.43 25.89
CA GLN B 59 6.76 0.97 27.25
C GLN B 59 7.00 2.48 27.34
N ASN B 60 7.77 3.02 26.39
CA ASN B 60 8.22 4.42 26.48
C ASN B 60 7.07 5.42 26.54
N PHE B 61 6.17 5.34 25.57
CA PHE B 61 5.07 6.30 25.47
C PHE B 61 4.09 6.15 26.64
N ILE B 62 3.73 4.92 26.99
CA ILE B 62 2.74 4.73 28.04
C ILE B 62 3.24 5.17 29.42
N SER B 63 4.55 5.05 29.65
CA SER B 63 5.10 5.41 30.95
C SER B 63 5.52 6.87 31.07
N LYS B 64 5.85 7.50 29.94
CA LYS B 64 6.49 8.82 29.96
C LYS B 64 5.70 9.99 29.35
N SER B 65 4.67 9.70 28.57
CA SER B 65 3.96 10.77 27.85
C SER B 65 2.92 11.52 28.67
N GLY B 66 2.38 10.86 29.69
CA GLY B 66 1.30 11.43 30.49
C GLY B 66 0.03 11.67 29.67
N TYR B 67 -0.20 10.80 28.69
CA TYR B 67 -1.34 10.96 27.79
C TYR B 67 -2.69 10.58 28.40
N HIS B 68 -2.66 9.82 29.51
CA HIS B 68 -3.86 9.15 30.00
C HIS B 68 -5.01 10.06 30.36
N GLN B 69 -4.74 11.16 31.05
CA GLN B 69 -5.83 12.03 31.50
C GLN B 69 -6.70 12.46 30.33
N SER B 70 -6.08 12.94 29.26
CA SER B 70 -6.84 13.41 28.11
C SER B 70 -7.51 12.26 27.34
N ALA B 71 -6.83 11.13 27.20
CA ALA B 71 -7.43 9.96 26.56
C ALA B 71 -8.66 9.48 27.35
N SER B 72 -8.54 9.49 28.67
CA SER B 72 -9.65 9.13 29.56
C SER B 72 -10.85 10.08 29.40
N GLU B 73 -10.57 11.39 29.49
CA GLU B 73 -11.64 12.40 29.44
C GLU B 73 -12.35 12.42 28.08
N HIS B 74 -11.64 12.07 27.02
CA HIS B 74 -12.22 12.05 25.68
C HIS B 74 -12.68 10.67 25.21
N GLY B 75 -12.54 9.67 26.08
CA GLY B 75 -13.03 8.33 25.81
C GLY B 75 -12.41 7.68 24.59
N LEU B 76 -11.09 7.76 24.51
CA LEU B 76 -10.37 7.16 23.39
C LEU B 76 -9.59 5.94 23.84
N VAL B 77 -9.77 4.84 23.11
CA VAL B 77 -8.87 3.69 23.26
C VAL B 77 -7.58 4.04 22.54
N VAL B 78 -6.44 3.86 23.24
CA VAL B 78 -5.13 4.19 22.67
C VAL B 78 -4.30 2.92 22.57
N ILE B 79 -3.76 2.68 21.38
CA ILE B 79 -2.96 1.49 21.12
C ILE B 79 -1.53 1.93 20.79
N ALA B 80 -0.56 1.37 21.51
CA ALA B 80 0.85 1.70 21.28
C ALA B 80 1.65 0.45 20.97
N PRO B 81 1.90 0.17 19.68
CA PRO B 81 2.68 -1.02 19.34
C PRO B 81 4.19 -0.84 19.53
N ASP B 82 4.92 -1.95 19.45
CA ASP B 82 6.39 -1.92 19.41
C ASP B 82 6.86 -1.32 18.07
N THR B 83 8.17 -1.21 17.89
CA THR B 83 8.75 -0.47 16.77
C THR B 83 9.44 -1.35 15.72
N SER B 84 9.50 -2.65 16.01
CA SER B 84 10.13 -3.63 15.11
C SER B 84 9.70 -5.03 15.53
N PRO B 85 9.95 -6.04 14.67
CA PRO B 85 9.85 -7.42 15.17
C PRO B 85 10.87 -7.63 16.30
N ARG B 86 10.64 -8.65 17.12
CA ARG B 86 11.50 -8.93 18.27
C ARG B 86 11.84 -10.41 18.37
N GLY B 87 13.06 -10.69 18.82
CA GLY B 87 13.49 -12.06 19.11
C GLY B 87 13.73 -12.93 17.89
N CYS B 88 13.95 -12.31 16.74
CA CYS B 88 14.13 -13.05 15.49
C CYS B 88 15.57 -13.50 15.26
N ASN B 89 16.50 -12.88 15.99
CA ASN B 89 17.94 -13.16 15.84
C ASN B 89 18.41 -13.16 14.38
N ILE B 90 18.00 -12.13 13.63
CA ILE B 90 18.41 -11.99 12.24
C ILE B 90 19.79 -11.34 12.21
N LYS B 91 20.70 -11.90 11.42
CA LYS B 91 22.02 -11.29 11.24
C LYS B 91 21.87 -9.84 10.80
N GLY B 92 22.53 -8.94 11.52
CA GLY B 92 22.56 -7.53 11.16
C GLY B 92 21.54 -6.64 11.85
N GLU B 93 20.61 -7.23 12.59
CA GLU B 93 19.51 -6.45 13.17
C GLU B 93 19.77 -5.87 14.56
N ASP B 94 20.76 -6.41 15.28
CA ASP B 94 21.00 -6.01 16.67
C ASP B 94 22.13 -5.01 16.83
N GLU B 95 22.90 -4.80 15.77
CA GLU B 95 24.16 -4.06 15.83
C GLU B 95 24.01 -2.57 16.14
N SER B 96 23.16 -1.90 15.38
CA SER B 96 23.08 -0.43 15.43
C SER B 96 21.70 0.04 15.85
N TRP B 97 21.67 1.07 16.67
CA TRP B 97 20.41 1.60 17.20
C TRP B 97 19.50 2.20 16.13
N ASP B 98 20.07 2.54 14.97
CA ASP B 98 19.30 3.22 13.91
C ASP B 98 18.82 2.29 12.78
N PHE B 99 18.98 0.99 12.98
CA PHE B 99 18.57 0.01 11.98
C PHE B 99 18.29 -1.35 12.61
N GLY B 100 17.28 -2.03 12.11
CA GLY B 100 16.90 -3.34 12.63
C GLY B 100 15.98 -3.21 13.83
N THR B 101 16.32 -3.90 14.92
CA THR B 101 15.46 -3.91 16.11
C THR B 101 15.31 -2.50 16.68
N GLY B 102 14.08 -2.17 17.06
CA GLY B 102 13.74 -0.82 17.51
C GLY B 102 13.75 0.23 16.40
N ALA B 103 13.81 -0.23 15.15
CA ALA B 103 14.05 0.65 14.02
C ALA B 103 13.42 0.14 12.71
N GLY B 104 12.17 -0.30 12.81
CA GLY B 104 11.48 -0.88 11.65
C GLY B 104 11.12 0.09 10.53
N PHE B 105 11.08 1.38 10.88
CA PHE B 105 10.74 2.47 9.94
C PHE B 105 9.35 2.40 9.29
N TYR B 106 8.50 1.53 9.81
CA TYR B 106 7.10 1.41 9.35
C TYR B 106 7.01 1.21 7.84
N VAL B 107 7.93 0.39 7.33
CA VAL B 107 7.91 -0.06 5.94
C VAL B 107 7.67 -1.58 5.89
N ASP B 108 7.26 -2.07 4.73
CA ASP B 108 7.33 -3.50 4.43
C ASP B 108 8.60 -3.71 3.63
N ALA B 109 9.61 -4.29 4.27
CA ALA B 109 10.90 -4.51 3.62
C ALA B 109 10.78 -5.48 2.45
N THR B 110 11.53 -5.19 1.39
CA THR B 110 11.53 -5.99 0.17
C THR B 110 12.82 -6.79 0.00
N GLU B 111 13.84 -6.43 0.78
CA GLU B 111 15.17 -7.04 0.64
C GLU B 111 15.44 -8.08 1.72
N ASP B 112 16.08 -9.17 1.33
CA ASP B 112 16.64 -10.13 2.27
C ASP B 112 17.74 -9.46 3.10
N PRO B 113 17.86 -9.80 4.39
CA PRO B 113 17.10 -10.80 5.17
C PRO B 113 15.88 -10.23 5.88
N TRP B 114 15.41 -9.06 5.45
CA TRP B 114 14.37 -8.32 6.18
C TRP B 114 12.94 -8.62 5.72
N LYS B 115 12.81 -9.26 4.56
CA LYS B 115 11.51 -9.50 3.90
C LYS B 115 10.44 -10.16 4.77
N THR B 116 10.84 -11.14 5.57
CA THR B 116 9.88 -11.98 6.27
C THR B 116 9.36 -11.39 7.58
N ASN B 117 10.23 -10.70 8.32
CA ASN B 117 9.87 -10.17 9.64
C ASN B 117 9.67 -8.66 9.68
N TYR B 118 10.34 -7.93 8.80
CA TYR B 118 10.27 -6.48 8.82
C TYR B 118 9.13 -5.95 7.95
N ARG B 119 7.92 -6.18 8.44
CA ARG B 119 6.70 -5.75 7.77
C ARG B 119 5.87 -4.88 8.70
N MET B 120 6.53 -3.90 9.32
CA MET B 120 5.86 -3.00 10.28
C MET B 120 4.75 -2.17 9.65
N TYR B 121 4.85 -1.88 8.34
CA TYR B 121 3.79 -1.16 7.66
C TYR B 121 2.49 -1.96 7.66
N SER B 122 2.54 -3.21 7.18
CA SER B 122 1.37 -4.08 7.19
C SER B 122 0.90 -4.44 8.60
N TYR B 123 1.84 -4.53 9.55
CA TYR B 123 1.50 -4.78 10.95
C TYR B 123 0.62 -3.65 11.50
N VAL B 124 1.08 -2.41 11.35
CA VAL B 124 0.38 -1.25 11.88
C VAL B 124 -0.94 -0.92 11.17
N THR B 125 -1.00 -1.16 9.86
CA THR B 125 -2.18 -0.79 9.06
C THR B 125 -3.19 -1.92 8.86
N GLU B 126 -2.74 -3.16 8.93
CA GLU B 126 -3.60 -4.31 8.66
C GLU B 126 -3.77 -5.23 9.87
N GLU B 127 -2.68 -5.88 10.28
CA GLU B 127 -2.80 -6.93 11.30
C GLU B 127 -3.23 -6.41 12.66
N LEU B 128 -2.56 -5.35 13.14
CA LEU B 128 -2.88 -4.80 14.44
C LEU B 128 -4.31 -4.28 14.55
N PRO B 129 -4.76 -3.44 13.59
CA PRO B 129 -6.16 -2.98 13.70
C PRO B 129 -7.17 -4.12 13.64
N GLN B 130 -6.90 -5.16 12.85
CA GLN B 130 -7.74 -6.35 12.79
C GLN B 130 -7.81 -7.04 14.16
N LEU B 131 -6.65 -7.19 14.80
CA LEU B 131 -6.56 -7.80 16.12
C LEU B 131 -7.27 -6.98 17.19
N ILE B 132 -7.08 -5.67 17.16
CA ILE B 132 -7.72 -4.75 18.11
C ILE B 132 -9.25 -4.80 17.96
N ASN B 133 -9.72 -4.67 16.72
CA ASN B 133 -11.16 -4.70 16.43
C ASN B 133 -11.81 -5.99 16.92
N ALA B 134 -11.10 -7.12 16.77
CA ALA B 134 -11.64 -8.43 17.12
C ALA B 134 -11.66 -8.70 18.63
N ASN B 135 -10.81 -7.99 19.37
CA ASN B 135 -10.60 -8.30 20.80
C ASN B 135 -11.03 -7.20 21.78
N PHE B 136 -11.22 -5.98 21.28
CA PHE B 136 -11.49 -4.83 22.15
C PHE B 136 -12.71 -4.05 21.69
N PRO B 137 -13.36 -3.32 22.62
CA PRO B 137 -14.57 -2.54 22.30
C PRO B 137 -14.23 -1.29 21.49
N VAL B 138 -13.76 -1.51 20.26
CA VAL B 138 -13.32 -0.45 19.39
C VAL B 138 -14.23 -0.34 18.18
N ASP B 139 -14.56 0.89 17.81
CA ASP B 139 -15.31 1.18 16.60
C ASP B 139 -14.35 1.04 15.41
N PRO B 140 -14.55 0.00 14.57
CA PRO B 140 -13.64 -0.23 13.45
C PRO B 140 -13.67 0.90 12.42
N GLN B 141 -14.72 1.72 12.45
CA GLN B 141 -14.91 2.81 11.49
C GLN B 141 -14.30 4.14 11.93
N ARG B 142 -13.84 4.22 13.18
CA ARG B 142 -13.30 5.46 13.74
C ARG B 142 -11.93 5.24 14.35
N MET B 143 -10.89 5.60 13.60
CA MET B 143 -9.51 5.33 13.96
C MET B 143 -8.66 6.53 13.51
N SER B 144 -7.71 6.93 14.36
CA SER B 144 -6.73 7.97 14.01
C SER B 144 -5.33 7.52 14.40
N ILE B 145 -4.32 8.25 13.97
CA ILE B 145 -2.94 7.84 14.18
C ILE B 145 -2.03 9.03 14.42
N PHE B 146 -1.06 8.84 15.31
CA PHE B 146 -0.04 9.85 15.57
C PHE B 146 1.24 9.19 16.06
N GLY B 147 2.30 9.97 16.22
CA GLY B 147 3.56 9.39 16.63
C GLY B 147 4.69 10.38 16.70
N HIS B 148 5.86 9.87 17.06
CA HIS B 148 7.05 10.68 17.32
C HIS B 148 8.23 10.20 16.48
N SER B 149 8.84 11.14 15.75
CA SER B 149 10.08 10.91 14.99
C SER B 149 9.86 9.80 13.94
N MET B 150 10.62 8.71 14.01
CA MET B 150 10.34 7.57 13.11
C MET B 150 8.85 7.21 13.15
N GLY B 151 8.23 7.36 14.31
CA GLY B 151 6.79 7.14 14.45
C GLY B 151 5.93 8.28 13.92
N GLY B 152 6.50 9.47 13.83
CA GLY B 152 5.85 10.61 13.18
C GLY B 152 5.79 10.40 11.69
N HIS B 153 6.94 10.01 11.13
CA HIS B 153 7.03 9.47 9.77
C HIS B 153 5.97 8.38 9.58
N GLY B 154 5.96 7.38 10.47
CA GLY B 154 5.01 6.28 10.37
C GLY B 154 3.57 6.74 10.33
N ALA B 155 3.20 7.62 11.25
CA ALA B 155 1.82 8.11 11.31
C ALA B 155 1.43 8.83 10.02
N LEU B 156 2.30 9.73 9.56
CA LEU B 156 2.05 10.50 8.33
C LEU B 156 1.90 9.60 7.10
N ILE B 157 2.81 8.64 6.92
CA ILE B 157 2.72 7.79 5.74
C ILE B 157 1.54 6.83 5.81
N CYS B 158 1.19 6.37 7.01
CA CYS B 158 0.06 5.47 7.16
C CYS B 158 -1.25 6.16 6.77
N ALA B 159 -1.39 7.42 7.17
CA ALA B 159 -2.56 8.21 6.80
C ALA B 159 -2.57 8.51 5.31
N LEU B 160 -1.42 8.94 4.78
CA LEU B 160 -1.35 9.40 3.39
C LEU B 160 -1.45 8.28 2.36
N LYS B 161 -1.02 7.08 2.74
CA LYS B 161 -1.11 5.91 1.86
C LYS B 161 -2.48 5.23 1.92
N ASN B 162 -3.29 5.64 2.89
CA ASN B 162 -4.59 5.02 3.10
C ASN B 162 -5.69 6.06 3.24
N PRO B 163 -5.98 6.79 2.14
CA PRO B 163 -7.02 7.82 2.19
C PRO B 163 -8.34 7.22 2.67
N GLY B 164 -8.96 7.84 3.67
CA GLY B 164 -10.23 7.37 4.20
C GLY B 164 -10.13 6.46 5.42
N LYS B 165 -8.92 5.95 5.70
CA LYS B 165 -8.72 5.01 6.81
C LYS B 165 -8.72 5.71 8.17
N TYR B 166 -8.09 6.88 8.23
CA TYR B 166 -7.93 7.60 9.49
C TYR B 166 -8.71 8.90 9.49
N LYS B 167 -9.28 9.26 10.64
CA LYS B 167 -10.06 10.49 10.78
C LYS B 167 -9.16 11.70 10.93
N SER B 168 -7.98 11.48 11.50
CA SER B 168 -7.02 12.55 11.75
C SER B 168 -5.62 12.00 11.95
N VAL B 169 -4.63 12.88 11.80
CA VAL B 169 -3.24 12.52 11.97
C VAL B 169 -2.48 13.69 12.61
N SER B 170 -1.49 13.36 13.44
CA SER B 170 -0.60 14.37 14.00
C SER B 170 0.76 13.76 14.27
N ALA B 171 1.74 14.60 14.58
CA ALA B 171 3.09 14.09 14.83
C ALA B 171 3.92 15.01 15.71
N PHE B 172 4.88 14.39 16.40
CA PHE B 172 5.88 15.10 17.19
C PHE B 172 7.22 14.88 16.50
N ALA B 173 7.89 15.96 16.13
CA ALA B 173 9.22 15.90 15.48
C ALA B 173 9.33 14.79 14.41
N PRO B 174 8.38 14.75 13.46
CA PRO B 174 8.41 13.69 12.44
C PRO B 174 9.61 13.77 11.51
N ILE B 175 10.05 12.60 11.02
CA ILE B 175 10.96 12.51 9.89
C ILE B 175 10.09 12.74 8.65
N CYS B 176 10.18 13.92 8.06
CA CYS B 176 9.21 14.35 7.04
C CYS B 176 9.58 14.02 5.59
N ASN B 177 10.87 13.91 5.31
CA ASN B 177 11.36 13.70 3.97
C ASN B 177 12.50 12.68 4.05
N PRO B 178 12.18 11.42 4.42
CA PRO B 178 13.23 10.43 4.72
C PRO B 178 14.15 10.10 3.55
N VAL B 179 13.69 10.28 2.31
CA VAL B 179 14.55 9.99 1.16
C VAL B 179 15.82 10.86 1.16
N LEU B 180 15.77 11.98 1.88
CA LEU B 180 16.85 12.97 1.87
C LEU B 180 17.75 12.99 3.12
N CYS B 181 17.32 12.34 4.19
CA CYS B 181 18.08 12.39 5.44
C CYS B 181 18.88 11.11 5.68
N PRO B 182 19.96 11.20 6.47
CA PRO B 182 20.81 10.02 6.74
C PRO B 182 20.05 8.82 7.31
N TRP B 183 19.15 9.03 8.26
CA TRP B 183 18.39 7.92 8.84
C TRP B 183 17.57 7.19 7.79
N GLY B 184 16.88 7.97 6.96
CA GLY B 184 16.03 7.42 5.91
C GLY B 184 16.83 6.72 4.84
N LYS B 185 17.91 7.36 4.39
CA LYS B 185 18.77 6.76 3.38
C LYS B 185 19.31 5.40 3.81
N LYS B 186 19.78 5.30 5.05
CA LYS B 186 20.28 4.02 5.58
C LYS B 186 19.17 2.97 5.67
N ALA B 187 18.04 3.34 6.28
CA ALA B 187 16.93 2.42 6.46
C ALA B 187 16.38 1.95 5.12
N PHE B 188 16.14 2.88 4.20
CA PHE B 188 15.58 2.54 2.90
C PHE B 188 16.55 1.69 2.06
N SER B 189 17.83 2.05 2.06
CA SER B 189 18.83 1.24 1.37
C SER B 189 18.83 -0.20 1.87
N GLY B 190 18.74 -0.36 3.19
CA GLY B 190 18.77 -1.68 3.80
C GLY B 190 17.51 -2.47 3.54
N TYR B 191 16.36 -1.85 3.82
CA TYR B 191 15.08 -2.55 3.75
C TYR B 191 14.50 -2.66 2.34
N LEU B 192 14.73 -1.63 1.52
CA LEU B 192 14.06 -1.51 0.23
C LEU B 192 15.01 -1.62 -0.96
N GLY B 193 16.30 -1.45 -0.70
CA GLY B 193 17.31 -1.60 -1.74
C GLY B 193 17.59 -0.32 -2.47
N THR B 194 18.21 -0.39 -3.67
CA THR B 194 18.51 0.81 -4.43
C THR B 194 17.37 1.38 -5.26
N ASP B 195 16.29 0.68 -5.53
CA ASP B 195 15.17 1.25 -6.28
C ASP B 195 14.43 2.32 -5.47
N GLN B 196 14.85 3.56 -5.61
CA GLN B 196 14.17 4.65 -4.92
C GLN B 196 12.71 4.94 -5.21
N SER B 197 12.16 4.35 -6.24
CA SER B 197 10.73 4.46 -6.47
C SER B 197 9.93 3.88 -5.31
N LYS B 198 10.52 2.86 -4.78
CA LYS B 198 9.99 2.26 -3.56
C LYS B 198 10.07 3.25 -2.40
N TRP B 199 11.20 3.96 -2.31
CA TRP B 199 11.48 4.87 -1.20
C TRP B 199 10.44 5.98 -1.15
N LYS B 200 10.13 6.55 -2.31
CA LYS B 200 9.22 7.69 -2.41
C LYS B 200 7.81 7.34 -1.91
N ALA B 201 7.43 6.07 -2.06
CA ALA B 201 6.14 5.59 -1.59
C ALA B 201 6.04 5.51 -0.06
N TYR B 202 7.17 5.76 0.60
CA TYR B 202 7.22 5.76 2.07
C TYR B 202 7.76 7.10 2.61
N ASP B 203 7.60 8.16 1.83
CA ASP B 203 8.11 9.48 2.19
C ASP B 203 6.94 10.45 2.26
N ALA B 204 6.69 11.02 3.44
CA ALA B 204 5.51 11.89 3.66
C ALA B 204 5.46 13.08 2.70
N THR B 205 6.62 13.65 2.40
CA THR B 205 6.69 14.81 1.49
C THR B 205 6.29 14.43 0.07
N HIS B 206 6.77 13.28 -0.41
CA HIS B 206 6.36 12.78 -1.72
C HIS B 206 4.89 12.36 -1.72
N LEU B 207 4.46 11.69 -0.67
CA LEU B 207 3.10 11.15 -0.59
C LEU B 207 2.02 12.22 -0.58
N VAL B 208 2.27 13.31 0.13
CA VAL B 208 1.25 14.36 0.27
C VAL B 208 0.97 15.05 -1.07
N LYS B 209 1.98 15.06 -1.96
CA LYS B 209 1.83 15.65 -3.29
C LYS B 209 0.87 14.87 -4.19
N SER B 210 0.72 13.58 -3.91
CA SER B 210 -0.16 12.70 -4.71
C SER B 210 -1.37 12.20 -3.92
N TYR B 211 -1.51 12.66 -2.69
CA TYR B 211 -2.60 12.24 -1.81
C TYR B 211 -3.96 12.66 -2.36
N PRO B 212 -4.84 11.67 -2.66
CA PRO B 212 -6.11 11.95 -3.31
C PRO B 212 -7.32 12.04 -2.37
N GLY B 213 -7.09 11.81 -1.08
CA GLY B 213 -8.19 11.70 -0.13
C GLY B 213 -8.75 13.03 0.36
N SER B 214 -9.74 12.93 1.25
CA SER B 214 -10.34 14.10 1.87
C SER B 214 -9.33 14.84 2.72
N GLN B 215 -9.53 16.14 2.88
CA GLN B 215 -8.55 16.96 3.60
C GLN B 215 -8.30 16.42 5.01
N LEU B 216 -7.02 16.37 5.36
CA LEU B 216 -6.60 16.01 6.70
C LEU B 216 -6.13 17.27 7.36
N ASP B 217 -6.52 17.45 8.62
CA ASP B 217 -6.08 18.60 9.38
C ASP B 217 -4.91 18.20 10.25
N ILE B 218 -3.71 18.39 9.70
CA ILE B 218 -2.49 17.85 10.30
C ILE B 218 -1.92 18.80 11.34
N LEU B 219 -1.59 18.26 12.51
CA LEU B 219 -0.94 19.02 13.58
C LEU B 219 0.46 18.46 13.80
N ILE B 220 1.47 19.32 13.75
CA ILE B 220 2.85 18.93 14.01
C ILE B 220 3.49 19.86 15.03
N ASP B 221 4.04 19.27 16.10
CA ASP B 221 4.87 19.99 17.06
C ASP B 221 6.33 19.61 16.85
N GLN B 222 7.18 20.63 16.91
CA GLN B 222 8.62 20.45 16.71
C GLN B 222 9.38 21.29 17.72
N GLY B 223 10.23 20.65 18.51
CA GLY B 223 11.13 21.37 19.39
C GLY B 223 12.21 22.06 18.60
N LYS B 224 12.44 23.35 18.88
CA LYS B 224 13.43 24.14 18.16
C LYS B 224 14.87 23.76 18.53
N ASP B 225 15.06 23.23 19.74
CA ASP B 225 16.37 22.80 20.22
C ASP B 225 16.56 21.28 20.09
N ASP B 226 15.90 20.71 19.10
CA ASP B 226 15.94 19.28 18.80
C ASP B 226 17.20 18.99 18.01
N GLN B 227 18.11 18.21 18.59
CA GLN B 227 19.38 17.92 17.93
C GLN B 227 19.20 17.30 16.55
N PHE B 228 18.18 16.47 16.40
CA PHE B 228 17.95 15.78 15.14
C PHE B 228 17.36 16.69 14.07
N LEU B 229 16.66 17.74 14.51
CA LEU B 229 16.24 18.80 13.62
C LEU B 229 17.48 19.50 13.09
N LEU B 230 18.37 19.88 14.01
CA LEU B 230 19.62 20.56 13.66
C LEU B 230 20.50 19.73 12.74
N ASP B 231 20.51 18.41 12.95
CA ASP B 231 21.27 17.45 12.14
C ASP B 231 20.68 17.25 10.73
N GLY B 232 19.43 17.67 10.53
CA GLY B 232 18.77 17.53 9.24
C GLY B 232 18.03 16.22 9.02
N GLN B 233 17.71 15.52 10.10
CA GLN B 233 16.98 14.26 10.01
C GLN B 233 15.50 14.47 9.71
N LEU B 234 14.98 15.64 10.07
CA LEU B 234 13.54 15.83 10.16
C LEU B 234 12.93 16.56 8.97
N LEU B 235 13.60 17.62 8.52
CA LEU B 235 13.20 18.39 7.33
C LEU B 235 11.70 18.75 7.25
N PRO B 236 11.12 19.31 8.34
CA PRO B 236 9.69 19.61 8.30
C PRO B 236 9.27 20.63 7.24
N ASP B 237 10.14 21.59 6.93
CA ASP B 237 9.79 22.67 5.99
C ASP B 237 9.44 22.13 4.60
N ASN B 238 10.11 21.05 4.21
CA ASN B 238 9.81 20.40 2.94
C ASN B 238 8.39 19.85 2.89
N PHE B 239 7.96 19.26 4.01
CA PHE B 239 6.62 18.70 4.12
C PHE B 239 5.55 19.79 4.19
N ILE B 240 5.81 20.82 4.98
CA ILE B 240 4.87 21.95 5.11
C ILE B 240 4.62 22.60 3.74
N ALA B 241 5.69 22.80 2.97
CA ALA B 241 5.56 23.39 1.63
C ALA B 241 4.78 22.47 0.70
N ALA B 242 5.00 21.16 0.83
CA ALA B 242 4.29 20.18 0.02
C ALA B 242 2.78 20.17 0.33
N CYS B 243 2.44 20.35 1.60
CA CYS B 243 1.04 20.46 2.04
C CYS B 243 0.38 21.70 1.49
N THR B 244 1.12 22.80 1.50
CA THR B 244 0.63 24.11 1.11
C THR B 244 0.22 24.11 -0.35
N GLU B 245 1.01 23.35 -1.02
CA GLU B 245 0.68 23.31 -2.44
C GLU B 245 -0.47 22.36 -2.78
N LYS B 246 -0.65 21.38 -2.03
CA LYS B 246 -1.78 20.47 -2.17
C LYS B 246 -3.03 20.94 -1.42
N LYS B 247 -2.91 22.07 -0.72
CA LYS B 247 -4.00 22.65 0.07
C LYS B 247 -4.48 21.76 1.22
N ILE B 248 -3.55 20.97 1.74
CA ILE B 248 -3.77 20.19 2.95
C ILE B 248 -3.48 21.12 4.14
N PRO B 249 -4.50 21.37 4.99
CA PRO B 249 -4.28 22.23 6.14
C PRO B 249 -3.29 21.61 7.11
N VAL B 250 -2.28 22.39 7.49
CA VAL B 250 -1.29 21.93 8.45
C VAL B 250 -0.93 23.04 9.44
N VAL B 251 -0.98 22.70 10.72
CA VAL B 251 -0.55 23.60 11.78
C VAL B 251 0.79 23.08 12.24
N PHE B 252 1.83 23.86 11.98
CA PHE B 252 3.20 23.52 12.34
C PHE B 252 3.64 24.45 13.47
N ARG B 253 3.95 23.87 14.62
CA ARG B 253 4.33 24.66 15.79
C ARG B 253 5.76 24.40 16.21
N LEU B 254 6.59 25.42 16.04
CA LEU B 254 8.00 25.38 16.42
C LEU B 254 8.11 25.87 17.86
N GLN B 255 8.45 24.95 18.76
CA GLN B 255 8.42 25.21 20.19
C GLN B 255 9.80 25.56 20.73
N GLU B 256 9.96 26.80 21.16
CA GLU B 256 11.25 27.33 21.61
C GLU B 256 11.85 26.51 22.75
N ASP B 257 13.13 26.15 22.59
CA ASP B 257 13.94 25.50 23.62
C ASP B 257 13.56 24.05 23.98
N TYR B 258 12.58 23.50 23.26
CA TYR B 258 12.22 22.09 23.45
C TYR B 258 13.11 21.17 22.64
N ASP B 259 13.36 19.98 23.19
CA ASP B 259 14.21 19.00 22.54
C ASP B 259 13.37 17.86 21.95
N HIS B 260 14.00 16.70 21.77
CA HIS B 260 13.38 15.57 21.07
C HIS B 260 12.72 14.59 22.05
N SER B 261 12.89 14.84 23.35
CA SER B 261 12.59 13.86 24.39
C SER B 261 11.11 13.75 24.73
N TYR B 262 10.76 12.76 25.54
CA TYR B 262 9.39 12.63 26.05
C TYR B 262 8.99 13.76 26.99
N TYR B 263 9.94 14.55 27.46
CA TYR B 263 9.62 15.75 28.22
C TYR B 263 8.92 16.77 27.32
N PHE B 264 9.37 16.83 26.07
CA PHE B 264 8.75 17.65 25.04
C PHE B 264 7.37 17.08 24.67
N ILE B 265 7.33 15.78 24.37
CA ILE B 265 6.06 15.12 24.03
C ILE B 265 5.00 15.33 25.13
N ALA B 266 5.38 15.10 26.37
CA ALA B 266 4.46 15.24 27.51
C ALA B 266 3.85 16.64 27.59
N THR B 267 4.62 17.65 27.20
CA THR B 267 4.16 19.04 27.28
C THR B 267 2.97 19.30 26.34
N PHE B 268 2.95 18.63 25.19
CA PHE B 268 1.97 18.93 24.15
C PHE B 268 0.98 17.81 23.86
N ILE B 269 1.06 16.73 24.61
CA ILE B 269 0.24 15.55 24.33
C ILE B 269 -1.26 15.82 24.44
N THR B 270 -1.65 16.65 25.42
CA THR B 270 -3.07 16.97 25.61
C THR B 270 -3.65 17.66 24.37
N ASP B 271 -2.91 18.61 23.80
CA ASP B 271 -3.31 19.28 22.57
C ASP B 271 -3.59 18.26 21.45
N HIS B 272 -2.71 17.27 21.33
CA HIS B 272 -2.86 16.24 20.29
C HIS B 272 -4.05 15.34 20.55
N ILE B 273 -4.23 14.90 21.79
CA ILE B 273 -5.40 14.06 22.11
C ILE B 273 -6.71 14.80 21.82
N ARG B 274 -6.77 16.08 22.20
CA ARG B 274 -7.95 16.91 21.94
C ARG B 274 -8.19 17.07 20.45
N HIS B 275 -7.11 17.27 19.70
CA HIS B 275 -7.16 17.37 18.23
C HIS B 275 -7.79 16.11 17.62
N HIS B 276 -7.30 14.94 18.00
CA HIS B 276 -7.88 13.69 17.49
C HIS B 276 -9.32 13.47 17.96
N ALA B 277 -9.60 13.84 19.20
CA ALA B 277 -10.96 13.73 19.75
C ALA B 277 -11.96 14.52 18.93
N LYS B 278 -11.55 15.68 18.43
CA LYS B 278 -12.42 16.54 17.60
C LYS B 278 -12.93 15.78 16.39
N TYR B 279 -12.06 14.95 15.80
CA TYR B 279 -12.39 14.21 14.58
C TYR B 279 -12.94 12.81 14.84
N LEU B 280 -12.57 12.23 15.98
CA LEU B 280 -13.02 10.88 16.32
C LEU B 280 -14.39 10.86 17.00
N ASN B 281 -14.67 11.88 17.81
CA ASN B 281 -15.94 12.01 18.50
C ASN B 281 -16.89 12.97 17.79
MG MG C . -6.86 -12.32 -5.84
CA CA D . -12.91 -21.43 -21.63
CA CA E . -15.36 8.53 22.74
CA CA F . 9.62 -2.84 8.98
#